data_5HQZ
#
_entry.id   5HQZ
#
_cell.length_a   84.507
_cell.length_b   84.507
_cell.length_c   77.548
_cell.angle_alpha   90.00
_cell.angle_beta   90.00
_cell.angle_gamma   120.00
#
_symmetry.space_group_name_H-M   'H 3'
#
loop_
_entity.id
_entity.type
_entity.pdbx_description
1 polymer 'Dihydrofolate reductase'
2 non-polymer 'NADPH DIHYDRO-NICOTINAMIDE-ADENINE-DINUCLEOTIDE PHOSPHATE'
3 non-polymer 5-methyl-6-{[4-(trifluoromethoxy)phenyl]sulfanyl}thieno[2,3-d]pyrimidine-2,4-diamine
4 water water
#
_entity_poly.entity_id   1
_entity_poly.type   'polypeptide(L)'
_entity_poly.pdbx_seq_one_letter_code
;VGSLNCIVAVSQNMGIGKNGDLPWPPLRNEFRYFQRMTTTSSVEGKQNLVIMGKKTWFSIPEKNRPLKGRINLVLSRELK
EPPQGAHFLSRSLDDALKLTEQPELANKVDMVWIVGGSSVYKEAMNHPGHLKLFVTRIMQDFESDTFFPEIDLEKYKLLP
EYPGVLSDVQEEKGIKYKFEVYEKND
;
_entity_poly.pdbx_strand_id   A
#
loop_
_chem_comp.id
_chem_comp.type
_chem_comp.name
_chem_comp.formula
64J non-polymer 5-methyl-6-{[4-(trifluoromethoxy)phenyl]sulfanyl}thieno[2,3-d]pyrimidine-2,4-diamine 'C14 H11 F3 N4 O S2'
NDP non-polymer 'NADPH DIHYDRO-NICOTINAMIDE-ADENINE-DINUCLEOTIDE PHOSPHATE' 'C21 H30 N7 O17 P3'
#
# COMPACT_ATOMS: atom_id res chain seq x y z
N VAL A 1 14.96 4.12 -9.87
CA VAL A 1 13.84 3.61 -8.98
C VAL A 1 14.16 2.21 -8.43
N GLY A 2 13.82 2.00 -7.15
CA GLY A 2 14.00 0.73 -6.46
C GLY A 2 12.77 -0.18 -6.55
N SER A 3 12.62 -0.90 -5.45
CA SER A 3 11.59 -1.99 -5.50
C SER A 3 10.10 -1.56 -5.64
N LEU A 4 9.30 -2.50 -6.15
CA LEU A 4 7.80 -2.35 -6.20
C LEU A 4 7.26 -3.26 -5.11
N ASN A 5 6.32 -2.66 -4.36
CA ASN A 5 5.74 -3.23 -3.11
C ASN A 5 4.27 -2.91 -3.00
N CYS A 6 3.51 -3.87 -2.44
CA CYS A 6 2.13 -3.50 -2.00
C CYS A 6 2.13 -3.61 -0.50
N ILE A 7 1.29 -2.80 0.17
CA ILE A 7 1.14 -2.93 1.58
C ILE A 7 -0.39 -2.83 1.83
N VAL A 8 -0.86 -3.70 2.74
CA VAL A 8 -2.31 -3.75 3.05
C VAL A 8 -2.47 -4.28 4.51
N ALA A 9 -3.58 -3.97 5.13
CA ALA A 9 -4.05 -4.65 6.35
C ALA A 9 -5.36 -5.31 5.90
N VAL A 10 -5.56 -6.57 6.32
CA VAL A 10 -6.68 -7.35 5.82
C VAL A 10 -7.27 -8.28 6.88
N SER A 11 -8.60 -8.25 7.02
CA SER A 11 -9.21 -9.21 8.05
C SER A 11 -9.17 -10.65 7.50
N GLN A 12 -9.65 -11.55 8.40
CA GLN A 12 -9.64 -12.95 8.05
C GLN A 12 -10.51 -13.34 6.83
N ASN A 13 -11.63 -12.59 6.68
CA ASN A 13 -12.54 -12.75 5.52
C ASN A 13 -12.14 -11.79 4.36
N MET A 14 -10.84 -11.41 4.35
CA MET A 14 -10.20 -10.69 3.20
C MET A 14 -10.68 -9.28 3.10
N GLY A 15 -11.30 -8.72 4.11
CA GLY A 15 -11.81 -7.37 4.02
C GLY A 15 -10.71 -6.37 4.21
N ILE A 16 -10.77 -5.27 3.43
CA ILE A 16 -9.90 -4.10 3.55
C ILE A 16 -10.62 -2.77 3.80
N GLY A 17 -11.94 -2.72 3.57
CA GLY A 17 -12.66 -1.44 3.74
C GLY A 17 -14.15 -1.67 3.91
N LYS A 18 -14.81 -0.68 4.49
CA LYS A 18 -16.25 -0.67 4.61
C LYS A 18 -16.62 0.83 4.65
N ASN A 19 -17.49 1.13 3.69
CA ASN A 19 -18.11 2.51 3.66
C ASN A 19 -17.00 3.53 3.63
N GLY A 20 -15.88 3.28 2.92
CA GLY A 20 -14.88 4.38 2.73
C GLY A 20 -13.95 4.45 3.92
N ASP A 21 -14.02 3.51 4.85
CA ASP A 21 -13.15 3.50 6.02
C ASP A 21 -12.67 2.02 6.27
N LEU A 22 -11.82 1.87 7.27
CA LEU A 22 -11.39 0.50 7.58
C LEU A 22 -12.52 -0.26 8.26
N PRO A 23 -12.52 -1.58 8.15
CA PRO A 23 -13.58 -2.43 8.79
C PRO A 23 -13.55 -2.46 10.28
N TRP A 24 -12.38 -2.20 10.86
CA TRP A 24 -12.12 -2.30 12.31
C TRP A 24 -11.88 -0.92 12.87
N PRO A 25 -11.92 -0.82 14.18
CA PRO A 25 -11.62 0.42 14.80
C PRO A 25 -10.15 0.71 14.70
N PRO A 26 -9.77 1.94 14.82
CA PRO A 26 -8.41 2.37 14.59
C PRO A 26 -7.40 1.65 15.44
N LEU A 27 -6.35 1.14 14.77
CA LEU A 27 -5.25 0.40 15.44
C LEU A 27 -4.06 1.33 15.25
N ARG A 28 -3.72 2.06 16.31
CA ARG A 28 -2.78 3.18 16.23
C ARG A 28 -1.36 2.66 15.81
N ASN A 29 -0.99 1.54 16.36
CA ASN A 29 0.35 0.99 16.02
C ASN A 29 0.41 0.41 14.63
N GLU A 30 -0.73 -0.06 14.14
CA GLU A 30 -0.75 -0.53 12.75
C GLU A 30 -0.58 0.66 11.81
N PHE A 31 -1.28 1.77 12.05
CA PHE A 31 -1.03 2.95 11.26
C PHE A 31 0.46 3.39 11.37
N ARG A 32 1.06 3.38 12.55
CA ARG A 32 2.50 3.67 12.72
C ARG A 32 3.41 2.78 11.86
N TYR A 33 3.04 1.51 11.79
CA TYR A 33 3.79 0.54 10.97
C TYR A 33 3.65 0.96 9.51
N PHE A 34 2.40 1.19 9.07
CA PHE A 34 2.21 1.60 7.68
C PHE A 34 3.07 2.85 7.34
N GLN A 35 3.04 3.87 8.25
CA GLN A 35 3.78 5.12 7.96
C GLN A 35 5.30 4.78 7.90
N ARG A 36 5.79 4.02 8.85
CA ARG A 36 7.21 3.68 8.90
C ARG A 36 7.65 2.91 7.66
N MET A 37 6.89 1.87 7.26
CA MET A 37 7.35 1.09 6.13
C MET A 37 7.36 1.84 4.79
N THR A 38 6.29 2.66 4.59
CA THR A 38 6.17 3.38 3.36
C THR A 38 7.12 4.61 3.30
N THR A 39 7.52 5.16 4.45
CA THR A 39 8.31 6.44 4.48
C THR A 39 9.80 6.07 4.43
N THR A 40 10.18 4.95 4.96
CA THR A 40 11.65 4.68 5.25
C THR A 40 12.31 4.28 3.89
N SER A 41 13.29 5.07 3.42
CA SER A 41 14.12 4.81 2.21
C SER A 41 15.56 4.54 2.61
N SER A 42 16.16 3.46 2.07
CA SER A 42 17.60 3.27 2.41
C SER A 42 18.57 4.15 1.54
N VAL A 43 18.07 4.71 0.46
CA VAL A 43 18.92 5.45 -0.50
C VAL A 43 19.00 6.96 -0.16
N GLU A 44 20.17 7.47 0.21
CA GLU A 44 20.17 8.87 0.67
C GLU A 44 19.82 9.82 -0.49
N GLY A 45 19.08 10.91 -0.17
CA GLY A 45 18.59 11.83 -1.19
C GLY A 45 17.34 11.41 -1.96
N LYS A 46 16.73 10.27 -1.60
CA LYS A 46 15.51 9.89 -2.31
C LYS A 46 14.40 9.77 -1.30
N GLN A 47 13.16 9.79 -1.85
CA GLN A 47 11.95 9.50 -1.10
C GLN A 47 11.29 8.31 -1.77
N ASN A 48 10.43 7.64 -1.01
CA ASN A 48 9.57 6.71 -1.64
C ASN A 48 8.30 7.34 -2.22
N LEU A 49 7.74 6.63 -3.20
CA LEU A 49 6.47 7.04 -3.90
C LEU A 49 5.37 6.11 -3.49
N VAL A 50 4.22 6.71 -3.14
CA VAL A 50 2.97 5.92 -2.85
C VAL A 50 2.03 6.13 -3.94
N ILE A 51 1.49 5.02 -4.45
CA ILE A 51 0.50 4.96 -5.51
C ILE A 51 -0.81 4.50 -4.87
N MET A 52 -1.91 5.27 -5.11
CA MET A 52 -3.18 4.80 -4.66
C MET A 52 -4.27 5.15 -5.59
N GLY A 53 -5.37 4.47 -5.52
CA GLY A 53 -6.57 4.84 -6.20
C GLY A 53 -7.25 6.05 -5.58
N LYS A 54 -8.21 6.58 -6.31
CA LYS A 54 -8.86 7.82 -5.92
C LYS A 54 -9.67 7.62 -4.63
N LYS A 55 -10.37 6.50 -4.46
N LYS A 55 -10.37 6.48 -4.54
CA LYS A 55 -11.10 6.36 -3.17
CA LYS A 55 -11.14 6.24 -3.32
C LYS A 55 -10.18 6.19 -1.98
C LYS A 55 -10.28 6.10 -2.09
N THR A 56 -9.07 5.46 -2.23
CA THR A 56 -8.10 5.41 -1.11
C THR A 56 -7.56 6.76 -0.71
N TRP A 57 -7.16 7.60 -1.70
CA TRP A 57 -6.85 8.96 -1.37
C TRP A 57 -7.86 9.66 -0.42
N PHE A 58 -9.11 9.68 -0.90
CA PHE A 58 -10.14 10.38 -0.14
C PHE A 58 -10.51 9.69 1.17
N SER A 59 -10.08 8.44 1.38
N SER A 59 -10.11 8.43 1.35
CA SER A 59 -10.28 7.74 2.66
CA SER A 59 -10.29 7.74 2.65
C SER A 59 -9.28 8.16 3.74
C SER A 59 -9.27 8.12 3.70
N ILE A 60 -8.19 8.79 3.31
CA ILE A 60 -7.20 9.22 4.32
C ILE A 60 -7.69 10.56 4.85
N PRO A 61 -7.68 10.74 6.20
CA PRO A 61 -8.18 11.99 6.77
C PRO A 61 -7.40 13.11 6.10
N GLU A 62 -8.06 14.19 5.72
CA GLU A 62 -7.42 15.39 5.15
C GLU A 62 -6.16 15.88 5.90
N LYS A 63 -6.18 15.81 7.23
CA LYS A 63 -5.01 16.25 8.00
C LYS A 63 -3.80 15.37 7.75
N ASN A 64 -3.96 14.21 7.11
CA ASN A 64 -2.86 13.24 6.95
C ASN A 64 -2.45 13.21 5.51
N ARG A 65 -3.10 14.03 4.71
CA ARG A 65 -2.85 14.09 3.23
C ARG A 65 -2.12 15.35 2.85
N PRO A 66 -1.17 15.27 1.92
CA PRO A 66 -0.52 14.02 1.42
C PRO A 66 0.14 13.27 2.53
N LEU A 67 0.34 11.97 2.29
CA LEU A 67 1.16 11.17 3.21
C LEU A 67 2.60 11.82 3.33
N LYS A 68 2.97 12.33 4.50
CA LYS A 68 4.13 13.22 4.57
C LYS A 68 5.41 12.39 4.29
N GLY A 69 6.36 13.11 3.66
CA GLY A 69 7.66 12.48 3.46
C GLY A 69 7.71 11.46 2.34
N ARG A 70 6.63 11.32 1.59
CA ARG A 70 6.47 10.43 0.42
C ARG A 70 5.97 11.20 -0.74
N ILE A 71 6.32 10.88 -1.97
CA ILE A 71 5.69 11.46 -3.12
C ILE A 71 4.37 10.77 -3.31
N ASN A 72 3.26 11.49 -3.44
CA ASN A 72 1.90 10.91 -3.50
C ASN A 72 1.29 10.93 -4.89
N LEU A 73 1.02 9.82 -5.49
CA LEU A 73 0.46 9.68 -6.79
C LEU A 73 -0.91 9.05 -6.77
N VAL A 74 -1.96 9.69 -7.31
CA VAL A 74 -3.30 9.12 -7.36
C VAL A 74 -3.66 8.59 -8.72
N LEU A 75 -4.33 7.47 -8.82
CA LEU A 75 -4.82 6.90 -10.06
C LEU A 75 -6.27 7.27 -10.27
N SER A 76 -6.60 7.86 -11.40
CA SER A 76 -7.95 8.16 -11.80
C SER A 76 -7.98 8.40 -13.28
N ARG A 77 -9.08 7.94 -13.90
CA ARG A 77 -9.44 8.32 -15.31
C ARG A 77 -10.43 9.46 -15.39
N GLU A 78 -11.15 9.73 -14.33
CA GLU A 78 -12.13 10.86 -14.32
C GLU A 78 -11.50 12.20 -13.96
N LEU A 79 -10.55 12.24 -13.00
CA LEU A 79 -9.96 13.52 -12.59
C LEU A 79 -9.09 14.13 -13.74
N LYS A 80 -9.04 15.43 -13.71
CA LYS A 80 -8.26 16.13 -14.76
C LYS A 80 -6.93 16.59 -14.22
N GLU A 81 -6.79 16.69 -12.91
CA GLU A 81 -5.53 17.05 -12.31
C GLU A 81 -5.47 16.39 -10.91
N PRO A 82 -4.28 16.30 -10.33
CA PRO A 82 -4.18 15.67 -9.02
C PRO A 82 -5.17 16.36 -8.08
N PRO A 83 -5.71 15.61 -7.14
CA PRO A 83 -6.50 16.30 -6.09
C PRO A 83 -5.74 17.27 -5.23
N GLN A 84 -6.42 18.24 -4.60
CA GLN A 84 -5.78 19.15 -3.63
C GLN A 84 -4.91 18.37 -2.66
N GLY A 85 -3.64 18.70 -2.58
CA GLY A 85 -2.66 18.05 -1.72
C GLY A 85 -1.90 16.92 -2.34
N ALA A 86 -2.32 16.33 -3.47
CA ALA A 86 -1.64 15.23 -4.04
C ALA A 86 -0.56 15.80 -4.94
N HIS A 87 0.47 15.00 -5.30
CA HIS A 87 1.50 15.47 -6.25
C HIS A 87 1.35 15.05 -7.62
N PHE A 88 0.90 13.88 -7.93
CA PHE A 88 0.81 13.41 -9.26
C PHE A 88 -0.50 12.70 -9.52
N LEU A 89 -0.94 12.66 -10.77
CA LEU A 89 -2.09 11.90 -11.26
C LEU A 89 -1.72 11.07 -12.42
N SER A 90 -2.12 9.84 -12.46
CA SER A 90 -1.90 8.91 -13.62
C SER A 90 -3.20 8.18 -13.94
N ARG A 91 -3.37 7.78 -15.18
CA ARG A 91 -4.59 7.18 -15.73
C ARG A 91 -4.54 5.68 -15.71
N SER A 92 -3.38 5.08 -15.36
CA SER A 92 -3.21 3.66 -15.28
C SER A 92 -2.02 3.35 -14.43
N LEU A 93 -1.98 2.11 -13.93
CA LEU A 93 -0.77 1.65 -13.15
C LEU A 93 0.51 1.74 -14.05
N ASP A 94 0.36 1.30 -15.29
CA ASP A 94 1.53 1.25 -16.20
C ASP A 94 1.99 2.63 -16.42
N ASP A 95 1.06 3.59 -16.54
CA ASP A 95 1.42 4.98 -16.75
C ASP A 95 2.19 5.46 -15.54
N ALA A 96 1.66 5.21 -14.32
CA ALA A 96 2.36 5.62 -13.15
C ALA A 96 3.80 5.08 -13.11
N LEU A 97 3.96 3.79 -13.35
CA LEU A 97 5.29 3.19 -13.24
C LEU A 97 6.26 3.76 -14.30
N LYS A 98 5.79 3.91 -15.50
CA LYS A 98 6.50 4.76 -16.50
C LYS A 98 6.95 6.13 -16.05
N LEU A 99 6.09 6.93 -15.42
CA LEU A 99 6.40 8.28 -14.95
C LEU A 99 7.62 8.29 -14.02
N THR A 100 7.61 7.32 -13.15
CA THR A 100 8.71 6.99 -12.30
C THR A 100 10.05 6.97 -13.01
N GLU A 101 10.08 6.52 -14.27
CA GLU A 101 11.32 6.49 -15.09
C GLU A 101 11.63 7.78 -15.84
N GLN A 102 10.72 8.75 -15.81
CA GLN A 102 10.96 10.03 -16.47
C GLN A 102 12.00 10.82 -15.73
N PRO A 103 12.68 11.77 -16.43
CA PRO A 103 13.77 12.47 -15.75
C PRO A 103 13.27 13.23 -14.52
N GLU A 104 12.03 13.72 -14.55
CA GLU A 104 11.50 14.42 -13.39
C GLU A 104 11.22 13.57 -12.12
N LEU A 105 11.51 12.26 -12.14
CA LEU A 105 11.28 11.35 -10.98
C LEU A 105 12.36 10.27 -10.84
N ALA A 106 13.06 10.03 -11.94
CA ALA A 106 13.97 8.87 -12.04
C ALA A 106 15.07 8.84 -10.99
N ASN A 107 15.53 10.00 -10.56
CA ASN A 107 16.58 10.05 -9.57
C ASN A 107 16.09 10.50 -8.20
N LYS A 108 14.76 10.70 -8.10
CA LYS A 108 14.12 11.11 -6.83
C LYS A 108 13.55 9.96 -6.03
N VAL A 109 13.06 8.96 -6.72
CA VAL A 109 12.16 7.89 -6.11
C VAL A 109 13.04 6.68 -5.78
N ASP A 110 13.02 6.25 -4.51
CA ASP A 110 13.57 4.94 -4.08
C ASP A 110 12.47 3.82 -4.24
N MET A 111 11.75 3.49 -3.19
CA MET A 111 10.76 2.36 -3.33
C MET A 111 9.41 2.89 -3.80
N VAL A 112 8.69 2.05 -4.53
CA VAL A 112 7.31 2.33 -4.92
C VAL A 112 6.43 1.44 -4.07
N TRP A 113 5.44 2.08 -3.38
CA TRP A 113 4.46 1.36 -2.50
C TRP A 113 3.07 1.57 -2.99
N ILE A 114 2.43 0.51 -3.45
CA ILE A 114 0.99 0.58 -3.75
C ILE A 114 0.30 0.40 -2.44
N VAL A 115 -0.59 1.36 -2.15
CA VAL A 115 -1.27 1.35 -0.84
C VAL A 115 -2.80 1.19 -0.97
N GLY A 116 -3.28 0.82 -2.14
CA GLY A 116 -4.75 0.46 -2.24
C GLY A 116 -5.37 1.18 -3.37
N GLY A 117 -6.54 0.83 -3.84
CA GLY A 117 -7.40 -0.23 -3.26
C GLY A 117 -7.40 -1.48 -4.11
N SER A 118 -8.53 -2.19 -4.13
CA SER A 118 -8.59 -3.61 -4.55
C SER A 118 -8.08 -3.74 -6.06
N SER A 119 -8.52 -2.85 -6.97
CA SER A 119 -8.17 -3.07 -8.36
C SER A 119 -6.70 -2.79 -8.65
N VAL A 120 -6.14 -1.82 -7.91
CA VAL A 120 -4.74 -1.45 -8.05
C VAL A 120 -3.86 -2.65 -7.50
N TYR A 121 -4.31 -3.17 -6.36
CA TYR A 121 -3.61 -4.38 -5.85
C TYR A 121 -3.69 -5.54 -6.86
N LYS A 122 -4.87 -5.79 -7.39
CA LYS A 122 -5.04 -7.01 -8.28
C LYS A 122 -4.14 -6.94 -9.54
N GLU A 123 -4.10 -5.77 -10.11
CA GLU A 123 -3.25 -5.60 -11.32
C GLU A 123 -1.75 -5.69 -10.98
N ALA A 124 -1.33 -5.05 -9.90
CA ALA A 124 0.05 -5.17 -9.50
C ALA A 124 0.41 -6.66 -9.27
N MET A 125 -0.46 -7.34 -8.53
CA MET A 125 -0.16 -8.70 -8.13
C MET A 125 -0.10 -9.73 -9.21
N ASN A 126 -0.72 -9.40 -10.33
CA ASN A 126 -0.90 -10.34 -11.44
C ASN A 126 -0.04 -9.92 -12.64
N HIS A 127 0.84 -8.94 -12.45
CA HIS A 127 1.70 -8.48 -13.53
C HIS A 127 3.03 -9.10 -13.30
N PRO A 128 3.64 -9.72 -14.33
CA PRO A 128 5.01 -10.31 -14.14
C PRO A 128 6.05 -9.37 -13.58
N GLY A 129 6.94 -9.93 -12.77
CA GLY A 129 8.09 -9.19 -12.27
C GLY A 129 8.27 -9.40 -10.76
N HIS A 130 9.18 -8.63 -10.20
CA HIS A 130 9.58 -8.79 -8.80
C HIS A 130 8.72 -7.88 -7.98
N LEU A 131 8.04 -8.53 -7.00
CA LEU A 131 7.05 -7.72 -6.20
C LEU A 131 7.01 -8.30 -4.81
N LYS A 132 6.91 -7.45 -3.79
CA LYS A 132 6.67 -7.88 -2.40
C LYS A 132 5.33 -7.42 -1.96
N LEU A 133 4.74 -8.20 -1.07
CA LEU A 133 3.41 -7.88 -0.40
C LEU A 133 3.75 -7.80 1.11
N PHE A 134 3.43 -6.65 1.67
CA PHE A 134 3.51 -6.44 3.16
C PHE A 134 2.09 -6.46 3.64
N VAL A 135 1.76 -7.61 4.30
CA VAL A 135 0.35 -7.86 4.69
C VAL A 135 0.24 -7.92 6.22
N THR A 136 -0.69 -7.08 6.72
CA THR A 136 -1.00 -7.24 8.14
C THR A 136 -2.27 -8.06 8.22
N ARG A 137 -2.18 -9.22 8.91
CA ARG A 137 -3.33 -10.08 9.09
C ARG A 137 -4.05 -9.69 10.33
N ILE A 138 -5.26 -9.12 10.15
CA ILE A 138 -6.09 -8.80 11.32
C ILE A 138 -6.85 -10.11 11.57
N MET A 139 -6.72 -10.64 12.80
CA MET A 139 -7.06 -12.06 13.04
C MET A 139 -8.46 -12.27 13.53
N GLN A 140 -9.40 -11.56 12.93
CA GLN A 140 -10.86 -11.66 13.24
C GLN A 140 -11.58 -11.41 11.91
N ASP A 141 -12.86 -11.75 11.83
CA ASP A 141 -13.67 -11.39 10.68
C ASP A 141 -14.30 -10.03 11.03
N PHE A 142 -14.27 -9.15 10.05
CA PHE A 142 -15.03 -7.88 10.10
C PHE A 142 -15.85 -7.64 8.83
N GLU A 143 -17.10 -7.18 9.04
CA GLU A 143 -17.95 -6.80 7.91
C GLU A 143 -17.17 -5.78 7.05
N SER A 144 -17.27 -6.14 5.77
CA SER A 144 -16.49 -5.36 4.80
C SER A 144 -17.28 -5.17 3.52
N ASP A 145 -16.94 -4.14 2.73
CA ASP A 145 -17.50 -4.06 1.37
C ASP A 145 -16.46 -3.92 0.28
N THR A 146 -15.20 -4.06 0.68
CA THR A 146 -14.05 -4.04 -0.28
C THR A 146 -13.03 -5.09 0.21
N PHE A 147 -12.44 -5.84 -0.70
CA PHE A 147 -11.67 -7.05 -0.35
C PHE A 147 -10.34 -7.05 -1.05
N PHE A 148 -9.37 -7.64 -0.37
CA PHE A 148 -8.04 -7.89 -0.93
C PHE A 148 -8.07 -9.03 -1.97
N PRO A 149 -7.43 -8.87 -3.10
CA PRO A 149 -7.46 -10.02 -4.07
C PRO A 149 -6.74 -11.26 -3.50
N GLU A 150 -7.03 -12.40 -4.11
CA GLU A 150 -6.41 -13.66 -3.71
C GLU A 150 -4.88 -13.59 -3.87
N ILE A 151 -4.18 -14.02 -2.82
CA ILE A 151 -2.71 -14.21 -2.93
C ILE A 151 -2.39 -15.65 -3.43
N ASP A 152 -1.86 -15.75 -4.64
CA ASP A 152 -1.46 -17.12 -5.16
C ASP A 152 -0.17 -17.51 -4.51
N LEU A 153 -0.28 -18.46 -3.56
CA LEU A 153 0.97 -18.87 -2.79
C LEU A 153 1.88 -19.76 -3.59
N GLU A 154 1.45 -20.19 -4.75
CA GLU A 154 2.43 -20.83 -5.61
C GLU A 154 3.54 -19.86 -6.08
N LYS A 155 3.15 -18.59 -6.24
CA LYS A 155 4.04 -17.57 -6.79
C LYS A 155 4.57 -16.73 -5.58
N TYR A 156 3.74 -16.42 -4.59
CA TYR A 156 4.13 -15.48 -3.46
C TYR A 156 4.60 -16.34 -2.31
N LYS A 157 5.90 -16.33 -2.03
CA LYS A 157 6.44 -17.01 -0.90
C LYS A 157 6.39 -16.17 0.32
N LEU A 158 5.79 -16.68 1.40
CA LEU A 158 5.83 -16.06 2.75
C LEU A 158 7.25 -16.16 3.28
N LEU A 159 7.87 -15.03 3.55
CA LEU A 159 9.26 -14.97 4.03
C LEU A 159 9.31 -15.33 5.49
N PRO A 160 10.37 -16.10 5.93
CA PRO A 160 10.36 -16.57 7.33
C PRO A 160 10.86 -15.55 8.32
N GLU A 161 11.34 -14.37 7.81
CA GLU A 161 11.80 -13.30 8.63
C GLU A 161 11.94 -12.12 7.74
N TYR A 162 11.89 -10.90 8.27
CA TYR A 162 12.22 -9.71 7.46
C TYR A 162 12.72 -8.62 8.38
N PRO A 163 13.84 -7.93 8.08
CA PRO A 163 14.33 -6.88 9.02
C PRO A 163 13.36 -5.77 9.17
N GLY A 164 13.18 -5.34 10.41
CA GLY A 164 12.22 -4.19 10.60
C GLY A 164 10.81 -4.63 10.78
N VAL A 165 10.52 -5.91 10.72
CA VAL A 165 9.10 -6.35 10.84
C VAL A 165 8.97 -7.33 11.97
N LEU A 166 8.19 -6.97 12.98
CA LEU A 166 8.01 -7.87 14.10
C LEU A 166 7.32 -9.16 13.73
N SER A 167 7.75 -10.26 14.33
CA SER A 167 7.20 -11.56 13.96
C SER A 167 6.10 -12.11 14.88
N ASP A 168 5.99 -11.54 16.07
CA ASP A 168 5.00 -12.05 17.01
C ASP A 168 3.66 -11.41 16.86
N VAL A 169 2.74 -11.91 17.61
CA VAL A 169 1.34 -11.35 17.57
C VAL A 169 1.24 -10.05 18.32
N GLN A 170 0.60 -9.05 17.69
CA GLN A 170 0.31 -7.78 18.23
C GLN A 170 -1.14 -7.76 18.62
N GLU A 171 -1.47 -6.85 19.54
CA GLU A 171 -2.84 -6.66 19.91
C GLU A 171 -3.09 -5.23 20.31
N GLU A 172 -4.20 -4.69 19.75
CA GLU A 172 -4.67 -3.37 20.13
C GLU A 172 -6.18 -3.40 20.16
N LYS A 173 -6.77 -2.64 21.10
CA LYS A 173 -8.26 -2.58 21.20
C LYS A 173 -8.86 -4.01 21.21
N GLY A 174 -8.13 -4.98 21.80
CA GLY A 174 -8.62 -6.37 21.90
C GLY A 174 -8.60 -7.17 20.59
N ILE A 175 -7.90 -6.60 19.58
CA ILE A 175 -7.91 -7.19 18.23
C ILE A 175 -6.39 -7.70 17.99
N LYS A 176 -6.24 -9.00 17.76
CA LYS A 176 -4.93 -9.59 17.51
C LYS A 176 -4.66 -9.43 16.04
N TYR A 177 -3.37 -9.15 15.75
CA TYR A 177 -2.94 -9.08 14.30
C TYR A 177 -1.44 -9.44 14.20
N LYS A 178 -0.99 -9.73 12.99
CA LYS A 178 0.40 -10.16 12.78
C LYS A 178 0.85 -9.59 11.45
N PHE A 179 2.16 -9.43 11.33
CA PHE A 179 2.72 -8.86 10.11
C PHE A 179 3.39 -9.96 9.29
N GLU A 180 3.24 -9.85 7.98
CA GLU A 180 3.79 -10.86 7.03
C GLU A 180 4.40 -10.11 5.85
N VAL A 181 5.46 -10.80 5.30
CA VAL A 181 6.01 -10.30 4.02
C VAL A 181 6.06 -11.45 3.03
N TYR A 182 5.49 -11.19 1.86
CA TYR A 182 5.52 -12.15 0.72
C TYR A 182 6.34 -11.61 -0.38
N GLU A 183 7.01 -12.51 -1.16
CA GLU A 183 7.79 -12.12 -2.35
C GLU A 183 7.46 -13.06 -3.53
N LYS A 184 7.27 -12.48 -4.67
CA LYS A 184 7.29 -13.26 -5.92
C LYS A 184 8.38 -12.66 -6.85
N ASN A 185 8.68 -13.44 -7.90
CA ASN A 185 9.62 -12.98 -8.96
C ASN A 185 9.36 -13.84 -10.14
N ASP A 186 8.61 -13.29 -11.10
CA ASP A 186 8.15 -14.09 -12.28
C ASP A 186 8.07 -13.16 -13.48
PA NDP B . -9.50 2.63 -4.96
O1A NDP B . -8.84 1.56 -5.72
O2A NDP B . -8.70 3.35 -4.02
O5B NDP B . -10.28 3.68 -5.84
C5B NDP B . -11.01 3.23 -7.06
C4B NDP B . -11.10 4.47 -7.97
O4B NDP B . -9.66 4.69 -8.33
C3B NDP B . -11.65 4.02 -9.29
O3B NDP B . -13.14 4.34 -9.20
C2B NDP B . -10.88 4.88 -10.34
O2B NDP B . -11.33 6.14 -10.23
C1B NDP B . -9.48 4.89 -9.75
N9A NDP B . -8.68 3.77 -10.15
C8A NDP B . -8.45 2.58 -9.46
N7A NDP B . -7.51 1.89 -10.14
C5A NDP B . -7.12 2.59 -11.20
C6A NDP B . -6.23 2.37 -12.19
N6A NDP B . -5.49 1.25 -12.26
N1A NDP B . -6.05 3.30 -13.14
C2A NDP B . -6.80 4.49 -13.06
N3A NDP B . -7.75 4.79 -12.11
C4A NDP B . -7.87 3.76 -11.22
O3 NDP B . -10.84 2.02 -4.21
PN NDP B . -11.45 0.74 -3.38
O1N NDP B . -10.78 -0.47 -3.67
O2N NDP B . -12.91 0.85 -3.52
O5D NDP B . -10.78 1.05 -1.97
C5D NDP B . -11.04 2.08 -1.00
C4D NDP B . -11.48 1.20 0.28
O4D NDP B . -10.46 0.26 0.93
C3D NDP B . -11.80 2.21 1.30
O3D NDP B . -12.79 1.62 2.22
C2D NDP B . -10.47 2.42 2.04
O2D NDP B . -10.68 2.83 3.43
C1D NDP B . -10.05 0.94 2.19
N1N NDP B . -8.55 0.75 2.06
C2N NDP B . -8.03 -0.13 3.03
C3N NDP B . -6.69 -0.54 2.93
C7N NDP B . -6.21 -1.41 3.93
O7N NDP B . -5.01 -1.68 3.98
N7N NDP B . -7.08 -1.97 4.89
C4N NDP B . -5.80 -0.04 1.88
C5N NDP B . -6.43 0.94 0.95
C6N NDP B . -7.74 1.32 0.94
P2B NDP B . -11.90 6.86 -11.55
O1X NDP B . -11.23 6.44 -12.82
O2X NDP B . -13.37 6.44 -11.65
O3X NDP B . -11.84 8.31 -11.21
C4 64J C . -3.09 0.63 6.30
C5 64J C . -3.08 0.92 4.91
C6 64J C . -2.34 0.08 4.14
N1 64J C . -1.59 -0.93 4.68
N3 64J C . -2.39 -0.32 6.91
FAD 64J C . -1.44 9.41 9.95
CAX 64J C . -2.12 8.42 9.59
FAE 64J C . -3.48 8.34 10.45
FAF 64J C . -1.18 7.14 9.80
OAM 64J C . -2.47 8.67 8.14
CAQ 64J C . -3.12 7.65 7.54
CAH 64J C . -2.48 6.70 6.76
CAJ 64J C . -3.18 5.65 6.12
CAG 64J C . -4.48 7.53 7.76
CAI 64J C . -5.17 6.52 7.17
CAR 64J C . -4.54 5.53 6.39
SAN 64J C . -5.65 4.16 5.77
CAU 64J C . -4.46 2.59 5.73
SAO 64J C . -4.05 1.77 7.22
C2 64J C . -1.62 -1.05 6.04
NAB 64J C . -0.91 -2.05 6.58
NAC 64J C . -2.29 0.20 2.75
CAT 64J C . -3.89 1.99 4.60
CAA 64J C . -4.12 2.66 3.26
#